data_5QBK
#
_entry.id   5QBK
#
_cell.length_a   45.448
_cell.length_b   73.991
_cell.length_c   53.717
_cell.angle_alpha   90.000
_cell.angle_beta   110.600
_cell.angle_gamma   90.000
#
_symmetry.space_group_name_H-M   'P 1 21 1'
#
loop_
_entity.id
_entity.type
_entity.pdbx_description
1 polymer Endothiapepsin
2 non-polymer 'DIMETHYL SULFOXIDE'
3 non-polymer (1S,2S,3S,4R,5R)-4-(morpholin-4-yl)-2-[(quinolin-3-ylmethyl)amino]-6,8-dioxabicyclo[3.2.1]octan-3-ol
4 water water
#
_entity_poly.entity_id   1
_entity_poly.type   'polypeptide(L)'
_entity_poly.pdbx_seq_one_letter_code
;STGSATTTPIDSLDDAYITPVQIGTPAQTLNLDFDTGSSDLWVFSSETTASEVDGQTIYTPSKSTTAKLLSGATWSISYG
DGSSSSGDVYTDTVSVGGLTVTGQAVESAKKVSSSFTEDSTIDGLLGLAFSTLNTVSPTQQKTFFDNAKASLDSPVFTAD
LGYHAPGTYNFGFIDTTAYTGSITYTAVSTKQGFWEWTSTGYAVGSGTFKSTSIDGIADTGTTLLYLPATVVSAYWAQVS
GAKSSSSVGGYVFPCSATLPSFTFGVGSARIVIPGDYIDFGPISTGSSSCFGGIQSSAGIGINIFGDVALKAAFVVFNGA
TTPTLGFASK
;
_entity_poly.pdbx_strand_id   A
#
loop_
_chem_comp.id
_chem_comp.type
_chem_comp.name
_chem_comp.formula
D97 non-polymer (1S,2S,3S,4R,5R)-4-(morpholin-4-yl)-2-[(quinolin-3-ylmethyl)amino]-6,8-dioxabicyclo[3.2.1]octan-3-ol 'C20 H25 N3 O4'
DMS non-polymer 'DIMETHYL SULFOXIDE' 'C2 H6 O S'
#
# COMPACT_ATOMS: atom_id res chain seq x y z
N SER A 1 17.86 16.27 0.11
N SER A 1 17.92 16.40 -0.06
CA SER A 1 17.80 15.47 -1.14
CA SER A 1 17.84 15.41 -1.16
C SER A 1 16.35 15.14 -1.45
C SER A 1 16.38 15.10 -1.45
N THR A 2 16.12 14.53 -2.63
CA THR A 2 14.80 14.06 -3.01
C THR A 2 14.97 12.79 -3.83
N GLY A 3 13.85 12.08 -4.03
CA GLY A 3 13.79 10.94 -4.94
C GLY A 3 12.43 10.92 -5.59
N SER A 4 12.38 10.29 -6.77
CA SER A 4 11.13 10.19 -7.50
C SER A 4 11.19 8.93 -8.35
N ALA A 5 10.19 8.09 -8.23
CA ALA A 5 10.13 6.84 -9.01
C ALA A 5 8.74 6.59 -9.51
N THR A 6 8.65 5.92 -10.65
CA THR A 6 7.36 5.57 -11.22
C THR A 6 6.87 4.27 -10.60
N THR A 7 5.57 4.24 -10.28
CA THR A 7 4.94 3.04 -9.77
C THR A 7 3.89 2.59 -10.79
N THR A 8 3.82 1.28 -10.98
CA THR A 8 3.11 0.65 -12.10
C THR A 8 2.15 -0.42 -11.59
N PRO A 9 0.89 -0.42 -12.07
CA PRO A 9 0.02 -1.53 -11.67
C PRO A 9 0.54 -2.87 -12.19
N ILE A 10 0.36 -3.93 -11.41
CA ILE A 10 0.92 -5.21 -11.77
C ILE A 10 0.06 -5.94 -12.80
N ASP A 11 -1.17 -5.51 -12.94
CA ASP A 11 -2.10 -6.17 -13.85
C ASP A 11 -3.22 -5.19 -14.22
N SER A 12 -4.14 -5.66 -15.06
CA SER A 12 -5.19 -4.81 -15.61
C SER A 12 -6.24 -4.38 -14.60
N LEU A 13 -6.20 -4.95 -13.41
CA LEU A 13 -7.17 -4.65 -12.35
C LEU A 13 -6.59 -3.75 -11.25
N ASP A 14 -5.34 -3.31 -11.42
CA ASP A 14 -4.68 -2.53 -10.38
C ASP A 14 -4.63 -3.32 -9.09
N ASP A 15 -4.32 -4.60 -9.15
CA ASP A 15 -4.31 -5.42 -7.93
C ASP A 15 -3.22 -5.04 -6.94
N ALA A 16 -2.15 -4.43 -7.43
CA ALA A 16 -1.06 -3.91 -6.62
C ALA A 16 -0.20 -3.08 -7.54
N TYR A 17 0.78 -2.39 -6.96
CA TYR A 17 1.67 -1.51 -7.69
C TYR A 17 3.11 -1.87 -7.35
N ILE A 18 3.98 -1.85 -8.37
CA ILE A 18 5.40 -2.09 -8.20
C ILE A 18 6.23 -0.89 -8.62
N THR A 19 7.34 -0.74 -7.90
CA THR A 19 8.23 0.40 -8.04
C THR A 19 9.66 -0.13 -8.05
N PRO A 20 10.48 0.28 -9.03
CA PRO A 20 11.84 -0.26 -9.07
C PRO A 20 12.74 0.31 -7.98
N VAL A 21 13.55 -0.54 -7.39
CA VAL A 21 14.44 -0.21 -6.28
C VAL A 21 15.80 -0.82 -6.54
N GLN A 22 16.84 0.00 -6.37
CA GLN A 22 18.22 -0.47 -6.54
C GLN A 22 18.79 -0.90 -5.20
N ILE A 23 19.31 -2.12 -5.13
CA ILE A 23 19.85 -2.67 -3.89
C ILE A 23 21.27 -3.17 -4.15
N GLY A 24 22.21 -2.74 -3.32
CA GLY A 24 23.55 -3.28 -3.40
C GLY A 24 24.49 -2.61 -4.39
N THR A 25 25.71 -3.14 -4.43
CA THR A 25 26.77 -2.62 -5.29
C THR A 25 27.49 -3.79 -5.94
N PRO A 26 27.48 -3.87 -7.29
CA PRO A 26 26.68 -3.04 -8.20
C PRO A 26 25.19 -3.21 -7.94
N ALA A 27 24.41 -2.27 -8.44
CA ALA A 27 22.98 -2.30 -8.17
C ALA A 27 22.31 -3.58 -8.68
N GLN A 28 21.41 -4.10 -7.87
CA GLN A 28 20.49 -5.15 -8.27
C GLN A 28 19.12 -4.52 -8.18
N THR A 29 18.43 -4.38 -9.31
CA THR A 29 17.15 -3.70 -9.33
C THR A 29 16.03 -4.71 -9.17
N LEU A 30 15.22 -4.52 -8.13
CA LEU A 30 14.07 -5.36 -7.84
C LEU A 30 12.83 -4.48 -7.88
N ASN A 31 11.70 -5.07 -8.26
CA ASN A 31 10.44 -4.33 -8.31
C ASN A 31 9.64 -4.63 -7.06
N LEU A 32 9.50 -3.62 -6.20
CA LEU A 32 8.94 -3.82 -4.87
C LEU A 32 7.57 -3.17 -4.75
N ASP A 33 6.77 -3.78 -3.86
CA ASP A 33 5.44 -3.29 -3.53
C ASP A 33 5.58 -2.33 -2.34
N PHE A 34 5.48 -1.03 -2.60
CA PHE A 34 5.59 -0.03 -1.54
C PHE A 34 4.34 -0.08 -0.68
N ASP A 35 4.52 -0.32 0.61
CA ASP A 35 3.42 -0.69 1.50
C ASP A 35 3.37 0.23 2.70
N THR A 36 2.48 1.21 2.71
CA THR A 36 2.37 2.13 3.84
C THR A 36 1.66 1.50 5.04
N GLY A 37 1.29 0.23 4.92
CA GLY A 37 0.71 -0.52 6.03
C GLY A 37 1.64 -1.51 6.74
N SER A 38 2.92 -1.54 6.36
CA SER A 38 3.89 -2.37 7.08
C SER A 38 5.26 -1.69 7.03
N SER A 39 6.24 -2.29 7.70
CA SER A 39 7.49 -1.58 8.02
C SER A 39 8.74 -2.42 7.84
N ASP A 40 8.65 -3.44 6.98
CA ASP A 40 9.77 -4.29 6.62
C ASP A 40 10.06 -4.12 5.13
N LEU A 41 11.35 -4.01 4.80
CA LEU A 41 11.80 -4.08 3.43
C LEU A 41 12.34 -5.49 3.25
N TRP A 42 11.58 -6.34 2.58
CA TRP A 42 12.02 -7.71 2.37
C TRP A 42 11.98 -8.07 0.89
N VAL A 43 12.85 -9.00 0.51
CA VAL A 43 13.05 -9.34 -0.89
C VAL A 43 13.18 -10.84 -1.10
N PHE A 44 12.67 -11.29 -2.25
CA PHE A 44 13.05 -12.61 -2.78
C PHE A 44 14.57 -12.59 -2.93
N SER A 45 15.22 -13.71 -2.64
CA SER A 45 16.67 -13.73 -2.64
C SER A 45 17.26 -15.06 -3.08
N SER A 46 18.59 -15.08 -3.14
CA SER A 46 19.33 -16.30 -3.42
C SER A 46 19.13 -17.33 -2.30
N GLU A 47 18.60 -16.88 -1.16
CA GLU A 47 18.38 -17.74 0.01
C GLU A 47 16.96 -18.29 0.08
N THR A 48 16.07 -17.78 -0.77
CA THR A 48 14.68 -18.24 -0.75
C THR A 48 14.59 -19.67 -1.26
N THR A 49 13.83 -20.50 -0.54
CA THR A 49 13.59 -21.88 -0.97
C THR A 49 13.24 -21.94 -2.45
N ALA A 50 13.98 -22.74 -3.22
CA ALA A 50 13.89 -22.71 -4.68
C ALA A 50 12.48 -22.98 -5.19
N SER A 51 11.77 -23.88 -4.51
CA SER A 51 10.41 -24.25 -4.91
C SER A 51 9.42 -23.11 -4.67
N GLU A 52 9.85 -22.09 -3.92
CA GLU A 52 9.00 -20.96 -3.59
C GLU A 52 9.32 -19.72 -4.42
N VAL A 53 10.25 -19.86 -5.36
CA VAL A 53 10.57 -18.80 -6.30
C VAL A 53 10.02 -19.20 -7.67
N ASP A 54 9.21 -18.33 -8.26
CA ASP A 54 8.57 -18.61 -9.53
CA ASP A 54 8.60 -18.61 -9.55
C ASP A 54 8.47 -17.36 -10.41
N GLY A 55 9.60 -16.93 -10.97
CA GLY A 55 9.62 -15.80 -11.89
C GLY A 55 10.13 -14.49 -11.31
N GLN A 56 10.22 -14.39 -9.98
CA GLN A 56 10.68 -13.17 -9.35
C GLN A 56 12.16 -12.93 -9.62
N THR A 57 12.56 -11.66 -9.59
CA THR A 57 13.96 -11.27 -9.55
C THR A 57 14.45 -11.37 -8.13
N ILE A 58 15.64 -11.95 -7.93
CA ILE A 58 16.16 -12.17 -6.59
C ILE A 58 17.35 -11.27 -6.28
N TYR A 59 17.46 -10.92 -5.00
CA TYR A 59 18.64 -10.26 -4.45
C TYR A 59 19.63 -11.34 -4.07
N THR A 60 20.88 -11.18 -4.51
CA THR A 60 21.94 -12.10 -4.15
C THR A 60 22.97 -11.31 -3.33
N PRO A 61 22.87 -11.39 -1.99
CA PRO A 61 23.77 -10.55 -1.19
C PRO A 61 25.25 -10.85 -1.41
N SER A 62 25.60 -12.09 -1.76
CA SER A 62 27.02 -12.42 -1.92
C SER A 62 27.65 -11.68 -3.10
N LYS A 63 26.82 -11.12 -3.98
CA LYS A 63 27.30 -10.38 -5.15
C LYS A 63 27.32 -8.87 -4.90
N SER A 64 26.90 -8.45 -3.71
CA SER A 64 26.94 -7.03 -3.35
C SER A 64 28.10 -6.76 -2.42
N THR A 65 29.03 -5.93 -2.87
CA THR A 65 30.21 -5.63 -2.08
C THR A 65 29.90 -4.80 -0.85
N THR A 66 28.70 -4.22 -0.81
CA THR A 66 28.29 -3.38 0.32
C THR A 66 27.36 -4.12 1.29
N ALA A 67 26.97 -5.35 0.96
CA ALA A 67 26.10 -6.14 1.85
C ALA A 67 26.86 -6.64 3.07
N LYS A 68 26.23 -6.54 4.23
CA LYS A 68 26.80 -7.07 5.47
C LYS A 68 25.71 -7.85 6.19
N LEU A 69 25.99 -9.11 6.48
CA LEU A 69 25.04 -9.93 7.22
C LEU A 69 24.87 -9.37 8.62
N LEU A 70 23.62 -9.24 9.05
CA LEU A 70 23.34 -8.75 10.38
C LEU A 70 23.29 -9.94 11.31
N SER A 71 24.37 -10.15 12.07
CA SER A 71 24.56 -11.41 12.72
C SER A 71 23.47 -11.75 13.73
N GLY A 72 22.85 -12.90 13.54
CA GLY A 72 21.83 -13.36 14.46
C GLY A 72 20.46 -12.76 14.26
N ALA A 73 20.33 -11.78 13.35
CA ALA A 73 19.03 -11.14 13.14
C ALA A 73 18.13 -11.97 12.24
N THR A 74 16.86 -12.04 12.58
CA THR A 74 15.88 -12.72 11.75
C THR A 74 14.62 -11.87 11.66
N TRP A 75 13.74 -12.21 10.75
CA TRP A 75 12.47 -11.52 10.61
C TRP A 75 11.42 -12.50 10.20
N SER A 76 10.17 -12.17 10.49
CA SER A 76 9.03 -13.02 10.17
C SER A 76 7.80 -12.12 10.18
N ILE A 77 7.02 -12.17 9.11
CA ILE A 77 5.87 -11.30 9.01
C ILE A 77 4.68 -12.08 8.47
N SER A 78 3.50 -11.71 8.92
N SER A 78 3.48 -11.67 8.87
CA SER A 78 2.27 -12.22 8.36
CA SER A 78 2.23 -12.27 8.39
C SER A 78 1.45 -11.01 7.97
C SER A 78 1.17 -11.20 8.13
N TYR A 79 0.67 -11.16 6.90
CA TYR A 79 -0.20 -10.08 6.44
C TYR A 79 -1.68 -10.49 6.56
N GLY A 80 -2.56 -9.52 6.40
CA GLY A 80 -3.99 -9.70 6.63
C GLY A 80 -4.68 -10.73 5.74
N ASP A 81 -4.04 -11.12 4.64
CA ASP A 81 -4.62 -12.09 3.70
C ASP A 81 -4.14 -13.53 3.98
N GLY A 82 -3.42 -13.71 5.09
CA GLY A 82 -2.95 -15.03 5.46
C GLY A 82 -1.57 -15.35 4.89
N SER A 83 -1.02 -14.44 4.10
CA SER A 83 0.31 -14.64 3.52
C SER A 83 1.40 -14.33 4.55
N SER A 84 2.62 -14.80 4.28
CA SER A 84 3.71 -14.65 5.22
C SER A 84 5.05 -14.81 4.53
N SER A 85 6.11 -14.41 5.22
CA SER A 85 7.47 -14.59 4.73
C SER A 85 8.40 -14.42 5.91
N SER A 86 9.63 -14.90 5.79
CA SER A 86 10.60 -14.84 6.87
C SER A 86 12.00 -15.13 6.35
N GLY A 87 13.01 -14.74 7.13
CA GLY A 87 14.38 -15.02 6.76
C GLY A 87 15.39 -14.32 7.64
N ASP A 88 16.52 -13.97 7.03
CA ASP A 88 17.60 -13.28 7.75
C ASP A 88 17.75 -11.86 7.21
N VAL A 89 18.77 -11.16 7.68
CA VAL A 89 18.88 -9.73 7.46
C VAL A 89 20.28 -9.32 7.07
N TYR A 90 20.36 -8.48 6.06
CA TYR A 90 21.57 -7.79 5.67
C TYR A 90 21.36 -6.30 5.80
N THR A 91 22.44 -5.55 5.91
CA THR A 91 22.39 -4.12 5.65
C THR A 91 23.04 -3.90 4.29
N ASP A 92 22.50 -2.99 3.50
CA ASP A 92 23.05 -2.70 2.18
C ASP A 92 22.60 -1.33 1.74
N THR A 93 23.13 -0.86 0.62
CA THR A 93 22.75 0.41 0.05
C THR A 93 21.49 0.23 -0.78
N VAL A 94 20.50 1.08 -0.53
CA VAL A 94 19.22 1.03 -1.25
C VAL A 94 18.89 2.40 -1.82
N SER A 95 18.53 2.45 -3.10
CA SER A 95 18.16 3.69 -3.76
C SER A 95 16.80 3.59 -4.41
N VAL A 96 16.02 4.65 -4.26
CA VAL A 96 14.71 4.78 -4.89
C VAL A 96 14.71 6.08 -5.64
N GLY A 97 14.60 5.98 -6.96
CA GLY A 97 14.42 7.15 -7.79
C GLY A 97 15.44 8.25 -7.54
N GLY A 98 16.70 7.88 -7.33
CA GLY A 98 17.77 8.84 -7.12
C GLY A 98 18.11 9.19 -5.67
N LEU A 99 17.31 8.69 -4.74
CA LEU A 99 17.51 8.92 -3.31
C LEU A 99 18.16 7.70 -2.70
N THR A 100 19.30 7.88 -2.04
CA THR A 100 20.11 6.76 -1.59
C THR A 100 20.22 6.73 -0.07
N VAL A 101 19.98 5.54 0.49
CA VAL A 101 20.22 5.26 1.91
C VAL A 101 21.30 4.19 2.06
N THR A 102 22.35 4.48 2.83
CA THR A 102 23.35 3.46 3.12
C THR A 102 22.95 2.78 4.41
N GLY A 103 23.27 1.50 4.55
CA GLY A 103 23.02 0.78 5.78
C GLY A 103 21.55 0.48 6.03
N GLN A 104 20.78 0.39 4.96
CA GLN A 104 19.37 0.00 5.08
C GLN A 104 19.25 -1.49 5.38
N ALA A 105 18.40 -1.85 6.33
CA ALA A 105 18.11 -3.26 6.55
C ALA A 105 17.33 -3.82 5.35
N VAL A 106 17.92 -4.84 4.71
CA VAL A 106 17.31 -5.57 3.62
C VAL A 106 17.05 -6.99 4.12
N GLU A 107 15.77 -7.32 4.25
CA GLU A 107 15.36 -8.58 4.85
C GLU A 107 15.26 -9.63 3.74
N SER A 108 16.19 -10.56 3.76
CA SER A 108 16.28 -11.58 2.75
C SER A 108 15.39 -12.76 3.10
N ALA A 109 14.47 -13.10 2.22
CA ALA A 109 13.51 -14.16 2.49
C ALA A 109 14.12 -15.54 2.30
N LYS A 110 14.02 -16.37 3.35
CA LYS A 110 14.30 -17.80 3.27
C LYS A 110 13.04 -18.55 2.87
N LYS A 111 11.90 -18.03 3.33
CA LYS A 111 10.61 -18.66 3.07
C LYS A 111 9.61 -17.57 2.69
N VAL A 112 8.75 -17.88 1.72
CA VAL A 112 7.57 -17.06 1.45
C VAL A 112 6.38 -17.99 1.24
N SER A 113 5.18 -17.49 1.52
CA SER A 113 3.97 -18.28 1.33
C SER A 113 3.52 -18.26 -0.14
N SER A 114 2.51 -19.06 -0.43
CA SER A 114 2.12 -19.35 -1.81
C SER A 114 1.67 -18.13 -2.61
N SER A 115 0.96 -17.21 -1.96
N SER A 115 0.96 -17.21 -1.95
CA SER A 115 0.47 -16.02 -2.65
CA SER A 115 0.46 -16.01 -2.63
C SER A 115 1.63 -15.22 -3.21
C SER A 115 1.62 -15.20 -3.19
N PHE A 116 2.72 -15.14 -2.44
CA PHE A 116 3.89 -14.42 -2.91
C PHE A 116 4.53 -15.15 -4.07
N THR A 117 4.68 -16.48 -3.94
CA THR A 117 5.31 -17.27 -5.00
C THR A 117 4.54 -17.09 -6.30
N GLU A 118 3.21 -17.06 -6.18
CA GLU A 118 2.32 -17.02 -7.33
C GLU A 118 2.26 -15.67 -8.02
N ASP A 119 2.73 -14.62 -7.36
N ASP A 119 2.83 -14.65 -7.37
CA ASP A 119 2.80 -13.33 -8.02
CA ASP A 119 2.84 -13.27 -7.86
C ASP A 119 4.21 -13.09 -8.49
C ASP A 119 4.21 -12.96 -8.51
N SER A 120 4.43 -13.38 -9.76
CA SER A 120 5.76 -13.27 -10.36
C SER A 120 6.25 -11.85 -10.53
N THR A 121 5.34 -10.87 -10.46
CA THR A 121 5.71 -9.47 -10.71
C THR A 121 6.20 -8.72 -9.49
N ILE A 122 6.04 -9.31 -8.31
CA ILE A 122 6.40 -8.64 -7.06
C ILE A 122 7.61 -9.33 -6.45
N ASP A 123 8.71 -8.58 -6.38
CA ASP A 123 9.99 -9.13 -5.93
C ASP A 123 10.20 -8.94 -4.45
N GLY A 124 9.26 -8.31 -3.77
CA GLY A 124 9.35 -8.03 -2.35
C GLY A 124 8.52 -6.82 -1.98
N LEU A 125 8.62 -6.41 -0.71
CA LEU A 125 7.88 -5.28 -0.19
C LEU A 125 8.83 -4.24 0.36
N LEU A 126 8.44 -2.98 0.25
CA LEU A 126 9.14 -1.88 0.90
C LEU A 126 8.16 -1.17 1.82
N GLY A 127 8.33 -1.41 3.11
CA GLY A 127 7.40 -0.89 4.09
C GLY A 127 7.62 0.60 4.38
N LEU A 128 6.51 1.31 4.52
CA LEU A 128 6.52 2.75 4.75
C LEU A 128 5.59 3.18 5.89
N ALA A 129 5.14 2.22 6.70
CA ALA A 129 4.47 2.55 7.96
C ALA A 129 5.55 2.94 8.98
N PHE A 130 5.19 3.02 10.25
CA PHE A 130 6.14 3.49 11.26
C PHE A 130 7.05 2.35 11.71
N SER A 131 8.29 2.70 12.04
CA SER A 131 9.34 1.70 12.27
C SER A 131 9.04 0.84 13.50
N THR A 132 8.17 1.33 14.39
CA THR A 132 7.71 0.53 15.52
C THR A 132 7.11 -0.82 15.11
N LEU A 133 6.64 -0.94 13.88
CA LEU A 133 6.09 -2.21 13.39
C LEU A 133 7.13 -3.15 12.77
N ASN A 134 8.38 -2.73 12.64
CA ASN A 134 9.36 -3.58 11.99
C ASN A 134 9.61 -4.87 12.78
N THR A 135 9.68 -6.00 12.10
CA THR A 135 9.71 -7.30 12.77
C THR A 135 11.10 -7.87 13.04
N VAL A 136 12.15 -7.18 12.64
CA VAL A 136 13.50 -7.74 12.82
C VAL A 136 13.78 -7.99 14.29
N SER A 137 14.28 -9.19 14.59
CA SER A 137 14.59 -9.64 15.94
C SER A 137 15.99 -10.25 15.95
N PRO A 138 16.75 -10.09 17.04
N PRO A 138 16.74 -10.10 17.05
CA PRO A 138 16.36 -9.46 18.30
CA PRO A 138 16.34 -9.45 18.31
C PRO A 138 16.46 -7.92 18.33
C PRO A 138 16.44 -7.92 18.30
N THR A 139 16.95 -7.31 17.25
N THR A 139 16.82 -7.34 17.17
CA THR A 139 17.05 -5.85 17.17
CA THR A 139 17.03 -5.90 17.06
C THR A 139 16.20 -5.27 16.01
C THR A 139 16.16 -5.29 15.96
N GLN A 140 15.13 -4.54 16.35
CA GLN A 140 14.23 -3.88 15.35
C GLN A 140 14.98 -2.91 14.43
N GLN A 141 14.54 -2.77 13.17
CA GLN A 141 15.23 -1.93 12.18
C GLN A 141 14.32 -0.83 11.61
N LYS A 142 14.92 0.19 11.02
CA LYS A 142 14.20 1.36 10.53
C LYS A 142 13.78 1.24 9.07
N THR A 143 12.66 1.88 8.71
CA THR A 143 12.22 1.87 7.32
C THR A 143 13.11 2.76 6.45
N PHE A 144 13.02 2.54 5.14
CA PHE A 144 13.72 3.36 4.18
C PHE A 144 13.42 4.85 4.40
N PHE A 145 12.15 5.19 4.61
CA PHE A 145 11.78 6.58 4.82
C PHE A 145 12.36 7.15 6.10
N ASP A 146 12.31 6.37 7.19
CA ASP A 146 12.86 6.82 8.46
CA ASP A 146 12.87 6.84 8.45
C ASP A 146 14.36 7.09 8.31
N ASN A 147 15.05 6.20 7.61
CA ASN A 147 16.50 6.36 7.41
C ASN A 147 16.81 7.56 6.52
N ALA A 148 15.95 7.84 5.55
CA ALA A 148 16.21 8.92 4.62
C ALA A 148 15.79 10.29 5.16
N LYS A 149 14.87 10.30 6.12
CA LYS A 149 14.08 11.48 6.43
C LYS A 149 14.90 12.75 6.73
N ALA A 150 15.95 12.60 7.53
CA ALA A 150 16.68 13.78 7.97
C ALA A 150 17.45 14.43 6.81
N SER A 151 17.72 13.64 5.77
CA SER A 151 18.45 14.13 4.60
CA SER A 151 18.45 14.13 4.60
C SER A 151 17.51 14.76 3.56
N LEU A 152 16.22 14.44 3.65
CA LEU A 152 15.27 14.94 2.66
C LEU A 152 15.06 16.45 2.77
N ASP A 153 14.74 17.10 1.65
CA ASP A 153 14.48 18.54 1.68
C ASP A 153 13.35 18.84 2.67
N SER A 154 12.33 17.97 2.66
CA SER A 154 11.21 18.05 3.60
C SER A 154 10.89 16.61 4.00
N PRO A 155 10.51 16.38 5.27
CA PRO A 155 10.38 15.01 5.78
C PRO A 155 9.05 14.37 5.39
N VAL A 156 8.88 14.16 4.09
CA VAL A 156 7.60 13.72 3.52
C VAL A 156 7.83 12.76 2.38
N PHE A 157 6.81 11.97 2.10
CA PHE A 157 6.75 11.28 0.81
C PHE A 157 5.31 11.37 0.31
N THR A 158 5.13 11.23 -1.00
CA THR A 158 3.79 11.30 -1.57
C THR A 158 3.52 10.08 -2.43
N ALA A 159 2.24 9.68 -2.45
CA ALA A 159 1.76 8.59 -3.28
C ALA A 159 0.76 9.14 -4.27
N ASP A 160 1.02 8.89 -5.55
CA ASP A 160 0.15 9.31 -6.64
C ASP A 160 -0.06 8.08 -7.51
N LEU A 161 -0.96 7.21 -7.07
CA LEU A 161 -1.22 5.94 -7.75
C LEU A 161 -2.18 6.18 -8.89
N GLY A 162 -1.93 5.54 -10.04
CA GLY A 162 -2.80 5.67 -11.19
C GLY A 162 -3.91 4.64 -11.24
N TYR A 163 -5.05 5.04 -11.79
CA TYR A 163 -6.08 4.08 -12.16
C TYR A 163 -5.77 3.61 -13.57
N HIS A 164 -5.43 2.33 -13.70
CA HIS A 164 -5.05 1.75 -14.98
C HIS A 164 -4.00 2.60 -15.69
N ALA A 165 -3.03 3.12 -14.94
CA ALA A 165 -2.12 4.12 -15.47
C ALA A 165 -0.91 4.19 -14.57
N PRO A 166 0.20 4.73 -15.10
CA PRO A 166 1.38 4.97 -14.28
C PRO A 166 1.14 5.97 -13.19
N GLY A 167 1.99 5.91 -12.18
CA GLY A 167 1.92 6.83 -11.06
C GLY A 167 3.31 7.09 -10.54
N THR A 168 3.37 7.77 -9.40
CA THR A 168 4.64 8.26 -8.86
C THR A 168 4.67 8.20 -7.33
N TYR A 169 5.82 7.75 -6.81
CA TYR A 169 6.19 7.98 -5.42
C TYR A 169 7.30 9.02 -5.40
N ASN A 170 7.09 10.09 -4.66
CA ASN A 170 8.12 11.12 -4.47
C ASN A 170 8.53 11.15 -3.02
N PHE A 171 9.82 11.40 -2.78
CA PHE A 171 10.38 11.54 -1.45
C PHE A 171 11.01 12.91 -1.32
N GLY A 172 10.62 13.66 -0.30
CA GLY A 172 11.30 14.89 0.03
C GLY A 172 10.70 16.16 -0.52
N PHE A 173 9.66 16.06 -1.33
CA PHE A 173 9.06 17.25 -1.92
C PHE A 173 7.64 16.98 -2.35
N ILE A 174 6.87 18.05 -2.45
CA ILE A 174 5.51 18.02 -2.94
C ILE A 174 5.44 18.62 -4.34
N ASP A 175 5.06 17.79 -5.32
CA ASP A 175 4.88 18.25 -6.69
C ASP A 175 3.55 18.97 -6.80
N THR A 176 3.57 20.30 -6.79
CA THR A 176 2.35 21.09 -6.78
C THR A 176 1.61 21.08 -8.11
N THR A 177 2.19 20.46 -9.13
CA THR A 177 1.49 20.31 -10.42
C THR A 177 0.71 19.00 -10.49
N ALA A 178 0.80 18.17 -9.45
CA ALA A 178 0.26 16.81 -9.51
C ALA A 178 -1.16 16.70 -8.99
N TYR A 179 -1.76 17.80 -8.57
CA TYR A 179 -3.09 17.74 -7.98
C TYR A 179 -3.83 19.03 -8.31
N THR A 180 -5.15 19.02 -8.10
CA THR A 180 -5.96 20.20 -8.33
C THR A 180 -6.40 20.71 -6.96
N GLY A 181 -6.76 21.99 -6.89
CA GLY A 181 -7.21 22.58 -5.64
C GLY A 181 -6.12 22.54 -4.58
N SER A 182 -6.53 22.38 -3.33
N SER A 182 -6.53 22.38 -3.33
CA SER A 182 -5.59 22.37 -2.22
CA SER A 182 -5.59 22.42 -2.20
C SER A 182 -5.45 20.99 -1.62
C SER A 182 -5.51 21.07 -1.49
N ILE A 183 -4.37 20.82 -0.85
CA ILE A 183 -4.16 19.61 -0.07
C ILE A 183 -4.80 19.89 1.31
N THR A 184 -5.72 19.02 1.73
CA THR A 184 -6.28 19.10 3.07
C THR A 184 -5.54 18.10 3.96
N TYR A 185 -4.97 18.63 5.04
CA TYR A 185 -4.23 17.82 5.99
C TYR A 185 -5.14 17.44 7.15
N THR A 186 -4.85 16.28 7.71
CA THR A 186 -5.68 15.71 8.76
C THR A 186 -4.79 14.96 9.75
N ALA A 187 -5.21 14.88 11.00
CA ALA A 187 -4.37 14.33 12.05
C ALA A 187 -4.14 12.83 11.89
N VAL A 188 -2.96 12.39 12.33
CA VAL A 188 -2.57 11.00 12.30
C VAL A 188 -2.32 10.53 13.73
N SER A 189 -2.78 9.30 14.02
CA SER A 189 -2.35 8.56 15.19
C SER A 189 -1.36 7.48 14.79
N THR A 190 -0.23 7.43 15.49
CA THR A 190 0.79 6.44 15.24
C THR A 190 0.75 5.33 16.28
N LYS A 191 -0.33 5.30 17.06
CA LYS A 191 -0.41 4.41 18.21
C LYS A 191 -0.45 2.93 17.83
N GLN A 192 -0.89 2.63 16.61
CA GLN A 192 -0.88 1.26 16.11
C GLN A 192 0.20 1.08 15.05
N GLY A 193 1.02 2.10 14.84
CA GLY A 193 2.14 2.01 13.92
C GLY A 193 1.75 2.31 12.48
N PHE A 194 0.49 2.65 12.26
CA PHE A 194 -0.02 2.94 10.92
C PHE A 194 -0.18 4.43 10.66
N TRP A 195 -0.40 4.77 9.39
CA TRP A 195 -0.83 6.11 9.03
C TRP A 195 -2.34 6.13 9.23
N GLU A 196 -2.73 6.21 10.50
CA GLU A 196 -4.13 6.09 10.91
C GLU A 196 -4.76 7.47 11.09
N TRP A 197 -5.96 7.65 10.54
CA TRP A 197 -6.60 8.95 10.53
C TRP A 197 -8.11 8.74 10.62
N THR A 198 -8.88 9.82 10.72
CA THR A 198 -10.33 9.72 10.85
C THR A 198 -11.00 10.48 9.74
N SER A 199 -11.63 9.74 8.83
CA SER A 199 -12.43 10.36 7.79
C SER A 199 -13.69 10.94 8.40
N THR A 200 -14.17 12.03 7.81
CA THR A 200 -15.32 12.76 8.34
C THR A 200 -16.67 12.26 7.80
N GLY A 201 -16.65 11.31 6.87
CA GLY A 201 -17.90 10.72 6.42
C GLY A 201 -17.86 10.27 4.99
N TYR A 202 -19.02 10.03 4.40
CA TYR A 202 -19.08 9.46 3.06
C TYR A 202 -20.37 9.82 2.34
N ALA A 203 -20.35 9.68 1.02
CA ALA A 203 -21.56 9.71 0.20
C ALA A 203 -21.47 8.59 -0.84
N VAL A 204 -22.62 8.13 -1.29
CA VAL A 204 -22.71 7.14 -2.36
C VAL A 204 -23.32 7.81 -3.56
N GLY A 205 -22.61 7.80 -4.68
CA GLY A 205 -23.09 8.44 -5.89
C GLY A 205 -23.41 9.91 -5.64
N SER A 206 -24.57 10.36 -6.12
CA SER A 206 -24.99 11.75 -5.96
CA SER A 206 -24.99 11.75 -5.96
C SER A 206 -25.78 11.95 -4.66
N GLY A 207 -25.75 10.96 -3.78
CA GLY A 207 -26.47 11.01 -2.52
C GLY A 207 -25.91 12.02 -1.53
N THR A 208 -26.69 12.31 -0.49
CA THR A 208 -26.28 13.29 0.49
C THR A 208 -25.12 12.75 1.34
N PHE A 209 -24.23 13.65 1.73
CA PHE A 209 -23.07 13.29 2.53
C PHE A 209 -23.49 12.96 3.96
N LYS A 210 -23.01 11.81 4.45
CA LYS A 210 -23.28 11.37 5.82
C LYS A 210 -22.07 11.71 6.67
N SER A 211 -22.23 12.61 7.63
CA SER A 211 -21.14 12.96 8.53
C SER A 211 -21.04 11.92 9.63
N THR A 212 -19.92 11.21 9.64
CA THR A 212 -19.69 10.17 10.64
C THR A 212 -18.20 9.90 10.65
N SER A 213 -17.66 9.69 11.84
CA SER A 213 -16.23 9.46 11.99
C SER A 213 -15.87 8.03 11.60
N ILE A 214 -14.96 7.89 10.64
CA ILE A 214 -14.48 6.58 10.25
C ILE A 214 -12.97 6.53 10.43
N ASP A 215 -12.54 5.84 11.47
CA ASP A 215 -11.13 5.67 11.76
CA ASP A 215 -11.12 5.67 11.76
C ASP A 215 -10.55 4.57 10.88
N GLY A 216 -9.47 4.87 10.16
CA GLY A 216 -8.89 3.87 9.29
C GLY A 216 -7.46 4.20 8.93
N ILE A 217 -6.85 3.37 8.09
CA ILE A 217 -5.45 3.57 7.76
C ILE A 217 -5.26 3.84 6.26
N ALA A 218 -4.31 4.69 5.94
CA ALA A 218 -3.92 4.90 4.53
C ALA A 218 -2.90 3.84 4.19
N ASP A 219 -3.30 2.87 3.36
CA ASP A 219 -2.50 1.67 3.11
C ASP A 219 -2.34 1.36 1.64
N THR A 220 -1.21 1.80 1.09
CA THR A 220 -0.90 1.53 -0.31
C THR A 220 -0.73 0.04 -0.63
N GLY A 221 -0.47 -0.78 0.38
CA GLY A 221 -0.27 -2.21 0.18
C GLY A 221 -1.54 -3.05 0.27
N THR A 222 -2.69 -2.42 0.47
CA THR A 222 -3.97 -3.10 0.42
C THR A 222 -4.70 -2.66 -0.86
N THR A 223 -5.22 -3.61 -1.62
CA THR A 223 -5.84 -3.30 -2.90
C THR A 223 -7.15 -2.54 -2.77
N LEU A 224 -8.04 -3.05 -1.92
CA LEU A 224 -9.42 -2.58 -1.85
C LEU A 224 -9.68 -1.57 -0.73
N LEU A 225 -10.91 -1.09 -0.71
CA LEU A 225 -11.36 -0.15 0.31
C LEU A 225 -12.22 -0.93 1.30
N TYR A 226 -11.76 -1.02 2.54
CA TYR A 226 -12.45 -1.78 3.58
C TYR A 226 -13.06 -0.81 4.57
N LEU A 227 -14.39 -0.85 4.69
CA LEU A 227 -15.13 0.12 5.49
C LEU A 227 -16.17 -0.60 6.36
N PRO A 228 -16.76 0.11 7.33
CA PRO A 228 -17.73 -0.58 8.21
C PRO A 228 -18.88 -1.21 7.45
N ALA A 229 -19.37 -2.33 7.97
CA ALA A 229 -20.46 -3.05 7.34
C ALA A 229 -21.66 -2.17 6.97
N THR A 230 -21.99 -1.21 7.84
CA THR A 230 -23.13 -0.33 7.57
C THR A 230 -22.91 0.50 6.30
N VAL A 231 -21.70 1.03 6.16
CA VAL A 231 -21.33 1.87 5.02
C VAL A 231 -21.32 1.05 3.75
N VAL A 232 -20.72 -0.12 3.82
CA VAL A 232 -20.59 -0.98 2.66
C VAL A 232 -21.98 -1.47 2.19
N SER A 233 -22.86 -1.76 3.15
CA SER A 233 -24.22 -2.16 2.79
C SER A 233 -24.92 -1.01 2.08
N ALA A 234 -24.75 0.21 2.58
CA ALA A 234 -25.34 1.37 1.93
C ALA A 234 -24.83 1.58 0.50
N TYR A 235 -23.54 1.31 0.27
CA TYR A 235 -23.00 1.43 -1.09
C TYR A 235 -23.65 0.40 -2.01
N TRP A 236 -23.58 -0.87 -1.65
CA TRP A 236 -23.97 -1.93 -2.58
C TRP A 236 -25.48 -1.97 -2.79
N ALA A 237 -26.24 -1.41 -1.86
CA ALA A 237 -27.67 -1.28 -2.04
C ALA A 237 -28.02 -0.44 -3.25
N GLN A 238 -27.08 0.39 -3.71
CA GLN A 238 -27.30 1.25 -4.87
C GLN A 238 -26.87 0.59 -6.18
N VAL A 239 -26.49 -0.68 -6.12
CA VAL A 239 -26.08 -1.44 -7.30
C VAL A 239 -27.06 -2.58 -7.51
N SER A 240 -27.79 -2.55 -8.61
CA SER A 240 -28.82 -3.55 -8.84
CA SER A 240 -28.82 -3.55 -8.87
C SER A 240 -28.21 -4.95 -8.97
N GLY A 241 -28.72 -5.87 -8.17
CA GLY A 241 -28.30 -7.25 -8.23
C GLY A 241 -27.09 -7.57 -7.38
N ALA A 242 -26.51 -6.57 -6.72
CA ALA A 242 -25.35 -6.84 -5.87
C ALA A 242 -25.75 -7.64 -4.66
N LYS A 243 -24.85 -8.49 -4.19
CA LYS A 243 -25.10 -9.25 -2.99
C LYS A 243 -23.78 -9.67 -2.36
N SER A 244 -23.82 -9.93 -1.06
CA SER A 244 -22.66 -10.44 -0.36
C SER A 244 -22.70 -11.95 -0.42
N SER A 245 -21.61 -12.51 -0.94
CA SER A 245 -21.47 -13.92 -1.16
C SER A 245 -20.45 -14.49 -0.20
N SER A 246 -20.91 -15.37 0.69
CA SER A 246 -20.01 -16.07 1.60
C SER A 246 -19.01 -16.89 0.83
N SER A 247 -19.47 -17.56 -0.22
CA SER A 247 -18.59 -18.42 -1.02
C SER A 247 -17.46 -17.63 -1.66
N VAL A 248 -17.77 -16.45 -2.20
CA VAL A 248 -16.78 -15.63 -2.87
C VAL A 248 -15.94 -14.82 -1.86
N GLY A 249 -16.54 -14.51 -0.72
CA GLY A 249 -15.83 -13.76 0.31
C GLY A 249 -16.04 -12.25 0.22
N GLY A 250 -17.20 -11.84 -0.26
CA GLY A 250 -17.61 -10.46 -0.13
C GLY A 250 -18.69 -10.12 -1.13
N TYR A 251 -18.88 -8.82 -1.32
CA TYR A 251 -19.86 -8.33 -2.28
C TYR A 251 -19.42 -8.56 -3.70
N VAL A 252 -20.36 -9.05 -4.48
CA VAL A 252 -20.21 -9.23 -5.91
C VAL A 252 -21.40 -8.56 -6.58
N PHE A 253 -21.29 -8.32 -7.89
CA PHE A 253 -22.35 -7.60 -8.58
C PHE A 253 -22.33 -8.00 -10.05
N PRO A 254 -23.47 -7.85 -10.74
CA PRO A 254 -23.51 -8.24 -12.15
C PRO A 254 -22.60 -7.34 -12.95
N CYS A 255 -21.77 -7.94 -13.81
CA CYS A 255 -20.70 -7.18 -14.42
C CYS A 255 -21.20 -6.03 -15.28
N SER A 256 -22.44 -6.11 -15.77
CA SER A 256 -23.01 -5.03 -16.59
C SER A 256 -23.62 -3.87 -15.79
N ALA A 257 -23.64 -4.00 -14.47
CA ALA A 257 -24.23 -2.97 -13.63
C ALA A 257 -23.44 -1.68 -13.69
N THR A 258 -24.13 -0.55 -13.53
CA THR A 258 -23.43 0.71 -13.42
C THR A 258 -23.09 0.96 -11.96
N LEU A 259 -21.79 1.14 -11.68
CA LEU A 259 -21.37 1.43 -10.32
C LEU A 259 -21.40 2.93 -10.00
N PRO A 260 -22.02 3.28 -8.86
CA PRO A 260 -21.97 4.69 -8.43
C PRO A 260 -20.59 5.01 -7.87
N SER A 261 -20.25 6.30 -7.87
CA SER A 261 -19.03 6.75 -7.21
C SER A 261 -19.16 6.58 -5.69
N PHE A 262 -18.05 6.71 -5.00
CA PHE A 262 -18.05 6.71 -3.54
C PHE A 262 -17.18 7.88 -3.12
N THR A 263 -17.71 8.71 -2.24
CA THR A 263 -16.99 9.90 -1.76
C THR A 263 -16.65 9.72 -0.30
N PHE A 264 -15.40 10.04 0.05
CA PHE A 264 -15.01 10.07 1.46
C PHE A 264 -14.54 11.46 1.88
N GLY A 265 -14.74 11.76 3.16
CA GLY A 265 -14.41 13.07 3.67
C GLY A 265 -13.02 13.14 4.28
N VAL A 266 -12.33 14.23 4.01
CA VAL A 266 -11.07 14.57 4.66
C VAL A 266 -11.31 15.96 5.20
N GLY A 267 -11.56 16.07 6.51
CA GLY A 267 -11.99 17.34 7.04
C GLY A 267 -13.22 17.79 6.28
N SER A 268 -13.24 19.04 5.86
CA SER A 268 -14.35 19.57 5.08
C SER A 268 -14.22 19.25 3.59
N ALA A 269 -13.10 18.65 3.19
CA ALA A 269 -12.84 18.32 1.79
C ALA A 269 -13.42 16.95 1.47
N ARG A 270 -13.49 16.66 0.18
CA ARG A 270 -14.13 15.45 -0.31
C ARG A 270 -13.28 14.85 -1.43
N ILE A 271 -13.06 13.55 -1.36
CA ILE A 271 -12.36 12.80 -2.40
C ILE A 271 -13.38 11.88 -3.04
N VAL A 272 -13.53 12.01 -4.35
CA VAL A 272 -14.51 11.22 -5.08
C VAL A 272 -13.84 10.08 -5.82
N ILE A 273 -14.22 8.85 -5.46
CA ILE A 273 -13.77 7.65 -6.15
C ILE A 273 -14.76 7.33 -7.27
N PRO A 274 -14.33 7.40 -8.54
CA PRO A 274 -15.26 7.07 -9.62
C PRO A 274 -15.74 5.63 -9.52
N GLY A 275 -16.98 5.40 -9.94
CA GLY A 275 -17.55 4.08 -9.90
C GLY A 275 -16.67 2.99 -10.48
N ASP A 276 -16.06 3.25 -11.64
CA ASP A 276 -15.31 2.17 -12.27
C ASP A 276 -14.06 1.74 -11.48
N TYR A 277 -13.61 2.55 -10.52
CA TYR A 277 -12.48 2.14 -9.66
C TYR A 277 -12.87 0.98 -8.74
N ILE A 278 -14.17 0.78 -8.60
CA ILE A 278 -14.71 -0.20 -7.66
C ILE A 278 -14.99 -1.57 -8.36
N ASP A 279 -14.72 -1.65 -9.66
CA ASP A 279 -14.95 -2.87 -10.44
C ASP A 279 -13.67 -3.70 -10.48
N PHE A 280 -13.70 -4.88 -9.86
CA PHE A 280 -12.55 -5.79 -9.88
C PHE A 280 -12.74 -7.01 -10.78
N GLY A 281 -13.69 -6.89 -11.70
CA GLY A 281 -13.84 -7.83 -12.80
C GLY A 281 -14.41 -9.19 -12.42
N PRO A 282 -14.49 -10.09 -13.41
CA PRO A 282 -15.16 -11.38 -13.18
C PRO A 282 -14.59 -12.17 -12.01
N ILE A 283 -15.44 -12.82 -11.23
CA ILE A 283 -14.95 -13.56 -10.08
C ILE A 283 -14.05 -14.74 -10.49
N SER A 284 -14.29 -15.27 -11.68
CA SER A 284 -13.49 -16.30 -12.33
C SER A 284 -13.60 -16.04 -13.81
N THR A 285 -12.64 -16.52 -14.59
CA THR A 285 -12.60 -16.20 -15.99
C THR A 285 -13.91 -16.60 -16.68
N GLY A 286 -14.49 -15.66 -17.41
CA GLY A 286 -15.70 -15.92 -18.17
C GLY A 286 -16.99 -15.71 -17.42
N SER A 287 -16.92 -15.44 -16.12
CA SER A 287 -18.13 -15.21 -15.34
C SER A 287 -18.71 -13.83 -15.60
N SER A 288 -20.03 -13.70 -15.52
CA SER A 288 -20.68 -12.39 -15.58
C SER A 288 -20.97 -11.80 -14.18
N SER A 289 -20.43 -12.44 -13.14
CA SER A 289 -20.48 -11.89 -11.79
CA SER A 289 -20.48 -11.89 -11.79
C SER A 289 -19.11 -11.29 -11.50
N CYS A 290 -19.10 -10.07 -10.97
CA CYS A 290 -17.87 -9.30 -10.78
C CYS A 290 -17.60 -9.03 -9.31
N PHE A 291 -16.32 -8.97 -8.96
CA PHE A 291 -15.96 -8.67 -7.57
C PHE A 291 -15.92 -7.18 -7.27
N GLY A 292 -16.49 -6.80 -6.13
CA GLY A 292 -16.52 -5.41 -5.72
C GLY A 292 -15.26 -4.92 -5.04
N GLY A 293 -14.99 -3.63 -5.21
CA GLY A 293 -13.78 -3.03 -4.67
C GLY A 293 -13.95 -2.33 -3.33
N ILE A 294 -15.17 -2.33 -2.82
CA ILE A 294 -15.50 -1.85 -1.48
C ILE A 294 -16.05 -3.05 -0.72
N GLN A 295 -15.44 -3.36 0.41
CA GLN A 295 -15.79 -4.54 1.17
C GLN A 295 -15.82 -4.20 2.66
N SER A 296 -16.52 -5.02 3.43
CA SER A 296 -16.64 -4.82 4.86
C SER A 296 -15.31 -5.05 5.59
N SER A 297 -15.02 -4.16 6.53
CA SER A 297 -13.86 -4.33 7.40
C SER A 297 -14.18 -5.11 8.68
N ALA A 298 -15.43 -5.54 8.79
N ALA A 298 -15.39 -5.65 8.79
CA ALA A 298 -15.87 -6.36 9.91
CA ALA A 298 -15.79 -6.32 10.01
C ALA A 298 -15.30 -7.74 9.72
C ALA A 298 -14.83 -7.46 10.37
N GLY A 299 -14.24 -8.04 10.47
N GLY A 299 -14.40 -8.25 9.40
CA GLY A 299 -13.50 -9.26 10.29
CA GLY A 299 -13.54 -9.39 9.70
C GLY A 299 -12.02 -8.93 10.27
C GLY A 299 -12.09 -9.04 10.04
N ILE A 300 -11.63 -7.90 9.53
CA ILE A 300 -10.22 -7.50 9.56
C ILE A 300 -9.96 -6.68 10.82
N GLY A 301 -10.97 -5.98 11.31
CA GLY A 301 -10.88 -5.28 12.56
C GLY A 301 -10.41 -3.84 12.48
N ILE A 302 -10.16 -3.37 11.28
CA ILE A 302 -9.70 -2.00 11.10
C ILE A 302 -10.15 -1.55 9.73
N ASN A 303 -10.54 -0.29 9.58
CA ASN A 303 -10.87 0.23 8.25
C ASN A 303 -9.61 0.53 7.48
N ILE A 304 -9.61 0.22 6.20
CA ILE A 304 -8.44 0.39 5.37
C ILE A 304 -8.77 1.15 4.10
N PHE A 305 -8.21 2.35 4.00
CA PHE A 305 -8.22 3.13 2.76
C PHE A 305 -7.07 2.62 1.90
N GLY A 306 -7.36 1.55 1.15
CA GLY A 306 -6.42 0.92 0.25
C GLY A 306 -6.37 1.62 -1.09
N ASP A 307 -5.79 0.94 -2.08
CA ASP A 307 -5.51 1.55 -3.36
C ASP A 307 -6.78 2.08 -4.05
N VAL A 308 -7.91 1.39 -3.93
CA VAL A 308 -9.16 1.90 -4.50
C VAL A 308 -9.42 3.34 -4.09
N ALA A 309 -9.19 3.67 -2.82
CA ALA A 309 -9.35 5.03 -2.33
C ALA A 309 -8.17 5.93 -2.65
N LEU A 310 -6.97 5.47 -2.37
CA LEU A 310 -5.80 6.32 -2.50
C LEU A 310 -5.55 6.74 -3.95
N LYS A 311 -5.86 5.87 -4.90
N LYS A 311 -5.84 5.88 -4.93
CA LYS A 311 -5.60 6.18 -6.31
CA LYS A 311 -5.55 6.24 -6.30
C LYS A 311 -6.48 7.32 -6.82
C LYS A 311 -6.50 7.32 -6.85
N ALA A 312 -7.56 7.62 -6.10
CA ALA A 312 -8.43 8.75 -6.42
C ALA A 312 -7.85 10.08 -5.92
N ALA A 313 -6.70 10.05 -5.24
CA ALA A 313 -6.16 11.24 -4.63
C ALA A 313 -4.63 11.34 -4.84
N PHE A 314 -4.12 12.54 -4.58
CA PHE A 314 -2.70 12.77 -4.36
C PHE A 314 -2.58 12.75 -2.84
N VAL A 315 -1.72 11.89 -2.31
CA VAL A 315 -1.65 11.66 -0.86
C VAL A 315 -0.26 11.97 -0.33
N VAL A 316 -0.24 12.83 0.68
CA VAL A 316 0.99 13.25 1.33
C VAL A 316 1.11 12.55 2.67
N PHE A 317 2.21 11.82 2.83
CA PHE A 317 2.57 11.19 4.08
C PHE A 317 3.63 12.09 4.73
N ASN A 318 3.15 12.93 5.64
CA ASN A 318 3.99 13.96 6.23
C ASN A 318 4.63 13.46 7.53
N GLY A 319 5.95 13.23 7.49
CA GLY A 319 6.68 12.69 8.63
C GLY A 319 7.35 13.74 9.47
N ALA A 320 6.74 14.92 9.59
CA ALA A 320 7.19 15.91 10.57
C ALA A 320 7.09 15.32 11.98
N THR A 321 7.65 16.05 12.95
CA THR A 321 7.69 15.60 14.34
C THR A 321 6.34 15.07 14.79
N THR A 322 5.29 15.80 14.44
CA THR A 322 3.92 15.30 14.58
C THR A 322 3.41 14.95 13.17
N PRO A 323 3.36 13.65 12.84
N PRO A 323 3.39 13.65 12.84
CA PRO A 323 2.98 13.31 11.47
CA PRO A 323 2.99 13.32 11.47
C PRO A 323 1.53 13.64 11.15
C PRO A 323 1.54 13.66 11.16
N THR A 324 1.27 13.93 9.87
CA THR A 324 -0.08 14.16 9.38
C THR A 324 -0.21 13.54 7.99
N LEU A 325 -1.44 13.46 7.52
CA LEU A 325 -1.73 13.00 6.17
CA LEU A 325 -1.74 12.97 6.19
C LEU A 325 -2.40 14.10 5.41
N GLY A 326 -2.04 14.25 4.13
CA GLY A 326 -2.69 15.20 3.26
C GLY A 326 -3.34 14.53 2.07
N PHE A 327 -4.54 14.99 1.69
CA PHE A 327 -5.23 14.48 0.52
C PHE A 327 -5.65 15.64 -0.38
N ALA A 328 -5.40 15.48 -1.67
CA ALA A 328 -5.91 16.39 -2.69
C ALA A 328 -6.55 15.61 -3.81
N SER A 329 -7.55 16.23 -4.44
N SER A 329 -7.55 16.21 -4.43
CA SER A 329 -8.11 15.69 -5.68
CA SER A 329 -8.10 15.68 -5.67
C SER A 329 -7.09 15.89 -6.79
C SER A 329 -7.07 15.87 -6.79
N LYS A 330 -7.23 15.15 -7.89
CA LYS A 330 -6.27 15.24 -8.98
C LYS A 330 -6.90 14.98 -10.33
S DMS B . -9.61 -8.52 -6.16
O DMS B . -8.37 -8.08 -5.42
C1 DMS B . -9.14 -9.31 -7.72
C2 DMS B . -10.35 -9.95 -5.30
S DMS C . -3.75 -4.51 7.81
O DMS C . -3.43 -4.20 6.39
C1 DMS C . -4.06 -6.28 7.96
C2 DMS C . -2.21 -4.41 8.78
O3 D97 D . -8.15 -7.83 4.07
C4 D97 D . -3.79 -9.19 -5.20
C5 D97 D . -4.93 -9.66 -5.89
C6 D97 D . -3.84 -8.45 -4.00
N1 D97 D . -2.53 -8.09 -0.91
C7 D97 D . -2.69 -8.03 -3.39
C8 D97 D . -1.49 -8.35 -4.01
N2 D97 D . -5.86 -7.04 2.60
C9 D97 D . -2.76 -7.24 -2.12
C10 D97 D . -2.70 -7.33 0.38
C11 D97 D . -1.92 -8.02 1.55
C12 D97 D . -1.34 -7.01 2.53
C13 D97 D . -3.43 -7.67 3.12
C14 D97 D . -4.41 -6.84 2.20
C15 D97 D . -4.24 -7.31 0.71
O2 D97 D . -4.84 -6.32 -0.16
C19 D97 D . -6.30 -8.48 2.63
C18 D97 D . -7.80 -8.55 2.90
C17 D97 D . -7.00 -7.36 4.75
C16 D97 D . -6.21 -6.39 3.91
O D97 D . -2.35 -6.87 3.54
O1 D97 D . -2.86 -8.72 2.38
C D97 D . -4.81 -10.37 -7.05
N D97 D . -1.37 -9.04 -5.13
C3 D97 D . -2.52 -9.47 -5.74
C2 D97 D . -2.42 -10.21 -6.94
C1 D97 D . -3.56 -10.63 -7.58
O3 D97 E . 2.56 20.07 -15.29
C4 D97 E . 2.49 9.71 -14.88
C5 D97 E . 2.97 9.40 -16.17
C6 D97 E . 1.33 10.47 -14.64
N1 D97 E . -0.23 12.92 -13.94
C7 D97 E . 0.95 10.80 -13.37
C8 D97 E . 1.75 10.35 -12.33
N2 D97 E . 2.23 17.18 -15.12
C9 D97 E . -0.28 11.65 -13.16
C10 D97 E . 1.07 13.66 -13.81
C11 D97 E . 1.25 14.12 -12.34
C12 D97 E . 2.67 13.89 -11.84
C13 D97 E . 2.41 15.95 -12.85
C14 D97 E . 2.35 15.83 -14.40
C15 D97 E . 1.09 14.95 -14.72
O2 D97 E . 1.31 14.51 -16.06
C19 D97 E . 1.30 18.16 -14.48
C18 D97 E . 1.28 19.45 -15.26
C17 D97 E . 3.57 19.21 -14.76
C16 D97 E . 3.54 17.86 -15.43
O D97 E . 3.38 15.05 -12.34
O1 D97 E . 1.17 15.55 -12.30
C D97 E . 4.14 8.71 -16.33
N D97 E . 2.85 9.63 -12.48
C3 D97 E . 3.23 9.31 -13.75
C2 D97 E . 4.43 8.58 -13.96
C1 D97 E . 4.87 8.31 -15.22
#